data_4NDL
#
_entry.id   4NDL
#
_cell.length_a   87.550
_cell.length_b   167.770
_cell.length_c   29.740
_cell.angle_alpha   90.00
_cell.angle_beta   90.00
_cell.angle_gamma   90.00
#
_symmetry.space_group_name_H-M   'C 2 2 21'
#
loop_
_entity.id
_entity.type
_entity.pdbx_description
1 polymer 'ENH-c2b, computational designed homodimer'
2 water water
#
_entity_poly.entity_id   1
_entity_poly.type   'polypeptide(L)'
_entity_poly.pdbx_seq_one_letter_code
;MGSSHHHHHHSSGLVPRGSHMTEFSEEQKKALDLAFYFDRRLTPEWRRYLSQRLGLNEEQIERWFRRKEQQI
;
_entity_poly.pdbx_strand_id   B,A,C
#
# COMPACT_ATOMS: atom_id res chain seq x y z
N PHE A 24 -13.96 1.68 -18.90
CA PHE A 24 -13.47 2.55 -17.82
C PHE A 24 -14.60 3.42 -17.32
N SER A 25 -14.95 3.40 -16.04
CA SER A 25 -15.90 4.40 -15.59
C SER A 25 -15.20 5.75 -15.43
N GLU A 26 -15.92 6.83 -15.74
CA GLU A 26 -15.38 8.18 -15.59
C GLU A 26 -15.10 8.51 -14.13
N GLU A 27 -15.83 7.84 -13.25
CA GLU A 27 -15.62 7.96 -11.82
C GLU A 27 -14.24 7.43 -11.45
N GLN A 28 -13.76 6.48 -12.24
CA GLN A 28 -12.45 5.90 -12.00
C GLN A 28 -11.39 6.79 -12.64
N LYS A 29 -11.63 7.15 -13.89
CA LYS A 29 -10.74 8.01 -14.66
C LYS A 29 -10.35 9.26 -13.90
N LYS A 30 -11.32 9.83 -13.18
CA LYS A 30 -11.11 11.00 -12.34
C LYS A 30 -10.25 10.69 -11.13
N ALA A 31 -10.26 9.43 -10.70
CA ALA A 31 -9.48 8.99 -9.54
C ALA A 31 -8.05 8.65 -9.95
N LEU A 32 -7.87 8.33 -11.22
CA LEU A 32 -6.55 8.01 -11.72
C LEU A 32 -5.84 9.34 -11.91
N ASP A 33 -6.51 10.27 -12.60
CA ASP A 33 -5.93 11.59 -12.85
C ASP A 33 -5.52 12.30 -11.56
N LEU A 34 -6.37 12.21 -10.54
CA LEU A 34 -6.12 12.85 -9.24
C LEU A 34 -5.03 12.26 -8.39
N ALA A 35 -4.84 10.97 -8.54
CA ALA A 35 -3.81 10.28 -7.81
C ALA A 35 -2.50 10.45 -8.55
N PHE A 36 -2.60 10.75 -9.84
CA PHE A 36 -1.41 11.05 -10.62
C PHE A 36 -0.86 12.44 -10.31
N TYR A 37 -1.74 13.38 -9.97
CA TYR A 37 -1.29 14.71 -9.57
C TYR A 37 -1.08 14.78 -8.06
N PHE A 38 -0.82 13.62 -7.47
CA PHE A 38 -0.41 13.53 -6.07
C PHE A 38 0.91 12.78 -5.99
N ASP A 39 0.94 11.61 -6.60
CA ASP A 39 2.17 10.86 -6.76
C ASP A 39 2.08 10.12 -8.09
N ARG A 40 3.05 10.32 -8.99
CA ARG A 40 3.02 9.65 -10.28
C ARG A 40 4.12 8.59 -10.41
N ARG A 41 4.85 8.39 -9.33
CA ARG A 41 5.83 7.32 -9.26
C ARG A 41 5.18 6.16 -8.55
N LEU A 42 4.83 5.13 -9.31
CA LEU A 42 4.12 4.02 -8.72
C LEU A 42 5.03 3.12 -7.96
N THR A 43 4.96 3.23 -6.63
CA THR A 43 5.64 2.24 -5.85
C THR A 43 4.68 1.04 -5.97
N PRO A 44 5.21 -0.18 -6.12
CA PRO A 44 4.42 -1.42 -6.06
C PRO A 44 3.54 -1.51 -4.82
N GLU A 45 3.94 -0.80 -3.76
CA GLU A 45 3.17 -0.75 -2.53
C GLU A 45 1.98 0.17 -2.68
N TRP A 46 1.98 0.98 -3.74
CA TRP A 46 0.92 1.95 -3.93
C TRP A 46 0.11 1.58 -5.16
N ARG A 47 0.75 0.85 -6.07
CA ARG A 47 0.03 0.25 -7.18
C ARG A 47 -0.93 -0.82 -6.68
N ARG A 48 -0.47 -1.55 -5.67
CA ARG A 48 -1.26 -2.60 -5.03
C ARG A 48 -2.51 -2.02 -4.41
N TYR A 49 -2.35 -0.81 -3.90
CA TYR A 49 -3.43 -0.07 -3.28
C TYR A 49 -4.49 0.51 -4.21
N LEU A 50 -4.09 1.35 -5.15
CA LEU A 50 -5.02 1.97 -6.08
C LEU A 50 -5.94 0.89 -6.65
N SER A 51 -5.38 -0.22 -7.07
CA SER A 51 -6.19 -1.32 -7.58
C SER A 51 -7.32 -1.75 -6.64
N GLN A 52 -7.10 -1.67 -5.33
CA GLN A 52 -8.11 -2.08 -4.37
C GLN A 52 -9.21 -1.06 -4.17
N ARG A 53 -8.80 0.20 -4.23
CA ARG A 53 -9.70 1.28 -3.91
C ARG A 53 -10.51 1.59 -5.18
N LEU A 54 -9.86 1.52 -6.35
CA LEU A 54 -10.52 1.91 -7.61
C LEU A 54 -11.05 0.73 -8.42
N GLY A 55 -10.70 -0.48 -8.04
CA GLY A 55 -11.24 -1.67 -8.69
C GLY A 55 -10.65 -2.08 -10.05
N LEU A 56 -9.38 -1.74 -10.30
CA LEU A 56 -8.70 -2.12 -11.55
C LEU A 56 -7.62 -3.14 -11.22
N ASN A 57 -7.00 -3.74 -12.23
CA ASN A 57 -5.89 -4.66 -11.98
C ASN A 57 -4.61 -3.97 -12.41
N GLU A 58 -3.51 -4.38 -11.81
CA GLU A 58 -2.34 -3.54 -11.72
C GLU A 58 -1.76 -3.13 -13.08
N GLU A 59 -2.00 -3.92 -14.13
CA GLU A 59 -1.45 -3.55 -15.43
C GLU A 59 -2.22 -2.40 -16.08
N GLN A 60 -3.42 -2.14 -15.59
CA GLN A 60 -4.28 -1.06 -16.10
C GLN A 60 -3.95 0.29 -15.48
N ILE A 61 -3.68 0.25 -14.18
CA ILE A 61 -3.28 1.45 -13.44
C ILE A 61 -1.95 2.01 -13.94
N GLU A 62 -1.00 1.11 -14.16
CA GLU A 62 0.32 1.45 -14.70
C GLU A 62 0.34 2.09 -16.10
N ARG A 63 -0.25 1.38 -17.05
CA ARG A 63 -0.33 1.78 -18.47
C ARG A 63 -0.94 3.16 -18.65
N TRP A 64 -1.86 3.48 -17.75
CA TRP A 64 -2.57 4.75 -17.73
C TRP A 64 -1.60 5.86 -17.40
N PHE A 65 -0.84 5.67 -16.31
CA PHE A 65 0.15 6.64 -15.88
C PHE A 65 1.14 6.87 -17.02
N ARG A 66 1.35 5.84 -17.83
CA ARG A 66 2.32 5.92 -18.91
C ARG A 66 1.84 6.92 -19.95
N ARG A 67 0.52 7.02 -20.11
CA ARG A 67 -0.04 7.93 -21.09
C ARG A 67 -0.05 9.38 -20.60
N LYS A 68 0.57 9.64 -19.45
CA LYS A 68 0.70 11.01 -18.93
C LYS A 68 2.16 11.35 -18.67
N PHE B 24 7.65 13.73 15.25
CA PHE B 24 7.43 14.11 13.86
C PHE B 24 8.56 14.98 13.32
N SER B 25 9.22 14.52 12.26
CA SER B 25 10.17 15.37 11.55
C SER B 25 9.34 16.30 10.69
N GLU B 26 9.83 17.52 10.48
CA GLU B 26 9.12 18.48 9.65
C GLU B 26 9.00 17.98 8.20
N GLU B 27 9.91 17.10 7.81
CA GLU B 27 9.86 16.44 6.50
C GLU B 27 8.63 15.53 6.37
N GLN B 28 8.18 15.01 7.51
CA GLN B 28 7.01 14.13 7.60
C GLN B 28 5.73 14.94 7.66
N LYS B 29 5.71 15.96 8.50
CA LYS B 29 4.55 16.82 8.64
C LYS B 29 4.03 17.26 7.27
N LYS B 30 4.94 17.53 6.33
CA LYS B 30 4.53 17.92 4.98
C LYS B 30 3.90 16.78 4.20
N ALA B 31 4.22 15.55 4.58
CA ALA B 31 3.68 14.39 3.91
C ALA B 31 2.30 13.98 4.41
N LEU B 32 1.94 14.39 5.62
CA LEU B 32 0.62 14.04 6.15
C LEU B 32 -0.49 14.95 5.62
N ASP B 33 -0.26 16.25 5.71
CA ASP B 33 -1.21 17.27 5.25
C ASP B 33 -1.54 17.07 3.80
N LEU B 34 -0.53 16.73 3.02
CA LEU B 34 -0.72 16.58 1.61
C LEU B 34 -1.61 15.38 1.38
N ALA B 35 -1.52 14.40 2.27
CA ALA B 35 -2.37 13.22 2.19
C ALA B 35 -3.73 13.49 2.83
N PHE B 36 -3.79 14.47 3.73
CA PHE B 36 -5.06 14.90 4.32
C PHE B 36 -5.85 15.77 3.33
N TYR B 37 -5.11 16.51 2.52
CA TYR B 37 -5.64 17.36 1.44
C TYR B 37 -5.77 16.59 0.16
N PHE B 38 -5.91 15.28 0.31
CA PHE B 38 -6.21 14.42 -0.81
C PHE B 38 -7.49 13.66 -0.52
N ASP B 39 -7.50 13.00 0.62
CA ASP B 39 -8.66 12.35 1.20
C ASP B 39 -8.37 12.56 2.67
N ARG B 40 -9.33 13.09 3.42
CA ARG B 40 -9.10 13.37 4.83
C ARG B 40 -9.86 12.38 5.68
N ARG B 41 -10.48 11.42 4.99
CA ARG B 41 -11.12 10.29 5.63
C ARG B 41 -10.22 9.05 5.61
N LEU B 42 -9.68 8.70 6.77
CA LEU B 42 -8.75 7.58 6.88
C LEU B 42 -9.49 6.25 6.87
N THR B 43 -9.41 5.56 5.73
CA THR B 43 -9.89 4.19 5.65
C THR B 43 -8.90 3.25 6.32
N PRO B 44 -9.38 2.24 7.05
CA PRO B 44 -8.49 1.19 7.59
C PRO B 44 -7.57 0.56 6.54
N GLU B 45 -7.99 0.58 5.28
CA GLU B 45 -7.17 0.07 4.18
C GLU B 45 -6.07 1.03 3.74
N TRP B 46 -6.19 2.28 4.16
CA TRP B 46 -5.28 3.33 3.73
C TRP B 46 -4.40 3.95 4.82
N ARG B 47 -4.86 3.87 6.06
CA ARG B 47 -4.04 4.22 7.21
C ARG B 47 -2.92 3.20 7.21
N ARG B 48 -3.29 1.98 6.86
CA ARG B 48 -2.36 0.88 6.74
C ARG B 48 -1.34 1.23 5.70
N TYR B 49 -1.79 1.94 4.66
CA TYR B 49 -0.90 2.36 3.59
C TYR B 49 0.08 3.49 3.98
N LEU B 50 -0.42 4.66 4.39
CA LEU B 50 0.44 5.78 4.78
C LEU B 50 1.53 5.34 5.74
N SER B 51 1.07 4.60 6.75
CA SER B 51 1.94 4.04 7.76
C SER B 51 3.07 3.22 7.10
N GLN B 52 2.78 2.64 5.94
CA GLN B 52 3.72 1.81 5.19
C GLN B 52 4.73 2.74 4.52
N ARG B 53 4.23 3.92 4.17
CA ARG B 53 4.97 4.95 3.45
C ARG B 53 5.88 5.86 4.25
N LEU B 54 5.44 6.26 5.43
CA LEU B 54 6.15 7.24 6.24
C LEU B 54 6.99 6.65 7.36
N GLY B 55 6.82 5.36 7.61
CA GLY B 55 7.61 4.69 8.62
C GLY B 55 7.01 4.98 9.99
N LEU B 56 5.70 5.22 9.98
CA LEU B 56 4.93 5.49 11.18
C LEU B 56 3.99 4.34 11.49
N ASN B 57 3.36 4.40 12.67
CA ASN B 57 2.33 3.43 13.03
C ASN B 57 0.97 4.12 13.04
N GLU B 58 -0.06 3.31 12.83
CA GLU B 58 -1.36 3.72 12.34
C GLU B 58 -2.05 4.73 13.25
N GLU B 59 -1.70 4.67 14.52
CA GLU B 59 -2.28 5.56 15.54
C GLU B 59 -1.76 7.00 15.46
N GLN B 60 -0.64 7.20 14.76
CA GLN B 60 -0.06 8.53 14.65
C GLN B 60 -0.70 9.38 13.58
N ILE B 61 -0.96 8.71 12.46
CA ILE B 61 -1.65 9.32 11.34
C ILE B 61 -3.05 9.64 11.80
N GLU B 62 -3.62 8.68 12.53
CA GLU B 62 -4.94 8.86 13.09
C GLU B 62 -4.92 10.09 14.00
N ARG B 63 -4.03 10.08 14.98
CA ARG B 63 -3.94 11.21 15.91
C ARG B 63 -3.72 12.51 15.13
N TRP B 64 -2.98 12.42 14.04
CA TRP B 64 -2.69 13.60 13.20
C TRP B 64 -3.91 14.14 12.44
N PHE B 65 -4.61 13.27 11.72
CA PHE B 65 -5.80 13.67 10.98
C PHE B 65 -6.87 14.28 11.87
N ARG B 66 -6.92 13.83 13.12
CA ARG B 66 -7.94 14.30 14.06
C ARG B 66 -7.77 15.78 14.42
N ARG B 67 -6.70 16.41 13.93
CA ARG B 67 -6.41 17.80 14.27
C ARG B 67 -5.88 18.55 13.06
N PHE C 24 16.54 -11.32 4.28
CA PHE C 24 15.81 -12.43 4.85
C PHE C 24 16.73 -13.32 5.70
N SER C 25 16.37 -13.47 6.97
CA SER C 25 17.02 -14.41 7.87
C SER C 25 16.48 -15.80 7.54
N GLU C 26 17.31 -16.81 7.75
CA GLU C 26 16.93 -18.20 7.48
C GLU C 26 15.74 -18.57 8.34
N GLU C 27 15.59 -17.89 9.47
CA GLU C 27 14.41 -18.08 10.31
C GLU C 27 13.15 -17.63 9.59
N GLN C 28 13.28 -16.65 8.69
CA GLN C 28 12.12 -16.14 7.94
C GLN C 28 11.83 -16.99 6.74
N LYS C 29 12.86 -17.29 5.97
CA LYS C 29 12.70 -18.12 4.79
C LYS C 29 11.95 -19.37 5.19
N LYS C 30 12.32 -19.89 6.35
CA LYS C 30 11.68 -21.07 6.89
C LYS C 30 10.27 -20.74 7.38
N ALA C 31 10.05 -19.47 7.75
CA ALA C 31 8.73 -19.01 8.20
C ALA C 31 7.85 -18.54 7.05
N LEU C 32 8.50 -18.16 5.94
CA LEU C 32 7.80 -17.69 4.75
C LEU C 32 7.29 -18.87 3.95
N ASP C 33 8.17 -19.83 3.71
CA ASP C 33 7.79 -21.03 2.98
C ASP C 33 6.61 -21.73 3.63
N LEU C 34 6.65 -21.79 4.95
CA LEU C 34 5.63 -22.49 5.71
C LEU C 34 4.26 -21.83 5.63
N ALA C 35 4.25 -20.52 5.43
CA ALA C 35 3.01 -19.78 5.30
C ALA C 35 2.46 -19.89 3.88
N PHE C 36 3.33 -20.22 2.94
CA PHE C 36 2.93 -20.50 1.57
C PHE C 36 2.26 -21.86 1.53
N TYR C 37 2.67 -22.78 2.42
CA TYR C 37 2.04 -24.10 2.50
C TYR C 37 0.84 -24.11 3.45
N PHE C 38 0.22 -22.96 3.68
CA PHE C 38 -1.03 -22.89 4.41
C PHE C 38 -2.08 -22.18 3.57
N ASP C 39 -1.69 -21.01 3.08
CA ASP C 39 -2.49 -20.26 2.13
C ASP C 39 -1.54 -19.60 1.14
N ARG C 40 -1.73 -19.83 -0.14
CA ARG C 40 -0.87 -19.22 -1.17
C ARG C 40 -1.64 -18.19 -1.98
N ARG C 41 -2.88 -17.94 -1.57
CA ARG C 41 -3.67 -16.87 -2.15
C ARG C 41 -3.51 -15.70 -1.21
N LEU C 42 -2.71 -14.72 -1.61
CA LEU C 42 -2.45 -13.61 -0.72
C LEU C 42 -3.62 -12.63 -0.78
N THR C 43 -4.48 -12.70 0.23
CA THR C 43 -5.52 -11.70 0.45
C THR C 43 -4.90 -10.48 1.11
N PRO C 44 -5.37 -9.28 0.74
CA PRO C 44 -4.97 -8.06 1.46
C PRO C 44 -5.13 -8.23 2.98
N GLU C 45 -6.02 -9.14 3.39
CA GLU C 45 -6.22 -9.44 4.81
C GLU C 45 -5.09 -10.29 5.38
N TRP C 46 -4.26 -10.88 4.50
CA TRP C 46 -3.16 -11.75 4.92
C TRP C 46 -1.75 -11.27 4.65
N ARG C 47 -1.55 -10.39 3.69
CA ARG C 47 -0.25 -9.76 3.61
C ARG C 47 -0.17 -8.90 4.88
N ARG C 48 -1.31 -8.31 5.24
CA ARG C 48 -1.42 -7.48 6.45
C ARG C 48 -1.11 -8.28 7.70
N TYR C 49 -1.50 -9.54 7.70
CA TYR C 49 -1.22 -10.41 8.83
C TYR C 49 0.29 -10.72 8.76
N LEU C 50 0.77 -11.33 7.67
CA LEU C 50 2.21 -11.65 7.54
C LEU C 50 3.22 -10.56 7.86
N SER C 51 2.99 -9.39 7.28
CA SER C 51 3.83 -8.22 7.48
C SER C 51 4.05 -7.86 8.94
N GLN C 52 3.06 -8.17 9.78
CA GLN C 52 3.18 -7.83 11.19
C GLN C 52 4.10 -8.76 12.01
N ARG C 53 4.17 -10.06 11.68
CA ARG C 53 4.96 -11.01 12.50
C ARG C 53 6.44 -11.20 12.33
N LEU C 54 6.84 -11.20 11.07
CA LEU C 54 8.21 -11.53 10.74
C LEU C 54 8.88 -10.20 10.54
N GLY C 55 8.07 -9.16 10.50
CA GLY C 55 8.62 -7.83 10.43
C GLY C 55 9.06 -7.46 9.03
N LEU C 56 8.44 -8.05 8.01
CA LEU C 56 8.84 -7.68 6.66
C LEU C 56 7.73 -6.89 6.05
N ASN C 57 8.06 -6.32 4.89
CA ASN C 57 7.10 -5.60 4.09
C ASN C 57 6.70 -6.31 2.81
N GLU C 58 5.49 -5.96 2.37
CA GLU C 58 4.67 -6.82 1.51
C GLU C 58 5.22 -7.08 0.10
N GLU C 59 6.11 -6.23 -0.40
CA GLU C 59 6.67 -6.44 -1.74
C GLU C 59 7.69 -7.57 -1.70
N GLN C 60 8.11 -7.92 -0.48
CA GLN C 60 9.08 -8.98 -0.28
C GLN C 60 8.30 -10.29 -0.29
N ILE C 61 7.13 -10.29 0.34
CA ILE C 61 6.23 -11.45 0.33
C ILE C 61 5.70 -11.74 -1.06
N GLU C 62 5.33 -10.69 -1.79
CA GLU C 62 4.85 -10.87 -3.16
C GLU C 62 5.95 -11.54 -3.95
N ARG C 63 7.13 -10.92 -3.96
CA ARG C 63 8.24 -11.48 -4.70
C ARG C 63 8.56 -12.90 -4.24
N TRP C 64 8.37 -13.20 -2.95
CA TRP C 64 8.65 -14.55 -2.48
C TRP C 64 7.62 -15.55 -2.99
N PHE C 65 6.35 -15.24 -2.72
CA PHE C 65 5.19 -16.05 -3.15
C PHE C 65 5.07 -16.22 -4.67
N ARG C 66 5.51 -15.20 -5.40
CA ARG C 66 5.41 -15.21 -6.84
C ARG C 66 6.33 -16.26 -7.44
N ARG C 67 7.44 -16.50 -6.76
CA ARG C 67 8.46 -17.45 -7.21
C ARG C 67 8.14 -18.94 -6.99
N LYS C 68 6.91 -19.26 -6.60
CA LYS C 68 6.47 -20.67 -6.45
C LYS C 68 5.22 -21.07 -7.24
#